data_9ICY
#
_entry.id   9ICY
#
_cell.length_a   180.827
_cell.length_b   57.645
_cell.length_c   48.167
_cell.angle_alpha   90.00
_cell.angle_beta   90.00
_cell.angle_gamma   90.00
#
_symmetry.space_group_name_H-M   'P 21 21 2'
#
loop_
_entity.id
_entity.type
_entity.pdbx_description
1 polymer "DNA (5'-D(*CP*AP*TP*TP*AP*GP*A)-3')"
2 polymer "DNA (5'-D(*TP*CP*TP*AP*AP*TP*G)-3')"
3 polymer 'PROTEIN (DNA POLYMERASE BETA (E.C.2.7.7.7))'
4 non-polymer 'SULFATE ION'
5 non-polymer 'SODIUM ION'
6 water water
#
loop_
_entity_poly.entity_id
_entity_poly.type
_entity_poly.pdbx_seq_one_letter_code
_entity_poly.pdbx_strand_id
1 'polydeoxyribonucleotide' (DC)(DA)(DT)(DT)(DA)(DG)(DA) T
2 'polydeoxyribonucleotide' (DT)(DC)(DT)(DA)(DA)(DT)(DG) P
3 'polypeptide(L)'
;MSKRKAPQETLNGGITDMLTELANFEKNVSQAIHKYNAYRKAASVIAKYPHKIKSGAEAKKLPGVGTKIAEKIDEFLATG
KLRKLEKIRQDDTSSSINFLTRVSGIGPSAARKFVDEGIKTLEDLRKNEDKLNHHQRIGLKYFGDFEKRIPREEMLQMQD
IVLNEVKKVDSEYIATVCGSFRRGAESSGDMDVLLTHPSFTSESTKQPKLLHQVVEQLQKVHFITDTLSKGETKFMGVCQ
LPSKNDEKEYPHRRIDIRLIPKDQYYCGVLYFTGSDIFNKNMRAHALEKGFTINEYTIRPLGVTGVAGEPLPVDSEKDIF
DYIQWKYREPKDRSE
;
A
#
loop_
_chem_comp.id
_chem_comp.type
_chem_comp.name
_chem_comp.formula
DA DNA linking 2'-DEOXYADENOSINE-5'-MONOPHOSPHATE 'C10 H14 N5 O6 P'
DC DNA linking 2'-DEOXYCYTIDINE-5'-MONOPHOSPHATE 'C9 H14 N3 O7 P'
DG DNA linking 2'-DEOXYGUANOSINE-5'-MONOPHOSPHATE 'C10 H14 N5 O7 P'
DT DNA linking THYMIDINE-5'-MONOPHOSPHATE 'C10 H15 N2 O8 P'
NA non-polymer 'SODIUM ION' 'Na 1'
SO4 non-polymer 'SULFATE ION' 'O4 S -2'
#
# COMPACT_ATOMS: atom_id res chain seq x y z
N GLU C 9 18.38 7.62 12.07
CA GLU C 9 16.98 7.93 12.30
C GLU C 9 16.73 9.42 12.45
N THR C 10 17.80 10.16 12.63
CA THR C 10 17.67 11.60 12.80
C THR C 10 19.07 12.16 12.68
N LEU C 11 20.05 11.28 12.92
CA LEU C 11 21.39 11.77 12.81
C LEU C 11 21.76 11.76 11.38
N ASN C 12 21.11 10.86 10.63
CA ASN C 12 21.37 10.74 9.21
C ASN C 12 20.35 11.29 8.22
N GLY C 13 19.19 11.62 8.78
CA GLY C 13 17.97 12.16 8.17
C GLY C 13 18.02 12.95 6.86
N GLY C 14 18.60 14.15 6.89
CA GLY C 14 18.70 14.98 5.71
C GLY C 14 19.32 14.20 4.55
N ILE C 15 20.53 13.68 4.83
CA ILE C 15 21.32 12.94 3.89
C ILE C 15 20.54 11.93 3.22
N THR C 16 19.79 11.27 4.02
CA THR C 16 18.95 10.24 3.47
C THR C 16 17.82 10.91 2.74
N ASP C 17 17.25 11.85 3.40
CA ASP C 17 16.16 12.53 2.77
C ASP C 17 16.44 13.21 1.45
N MET C 18 17.62 13.81 1.37
CA MET C 18 17.96 14.48 0.15
C MET C 18 18.06 13.43 -0.91
N LEU C 19 18.74 12.35 -0.51
CA LEU C 19 19.08 11.13 -1.27
C LEU C 19 17.90 10.45 -1.92
N THR C 20 16.81 10.31 -1.14
CA THR C 20 15.58 9.70 -1.59
C THR C 20 14.89 10.66 -2.55
N GLU C 21 15.14 11.95 -2.32
CA GLU C 21 14.58 13.00 -3.14
C GLU C 21 15.10 12.84 -4.56
N LEU C 22 16.40 12.78 -4.55
CA LEU C 22 17.24 12.64 -5.68
C LEU C 22 16.85 11.42 -6.45
N ALA C 23 16.81 10.35 -5.68
CA ALA C 23 16.48 9.06 -6.19
C ALA C 23 15.17 9.08 -6.90
N ASN C 24 14.18 9.41 -6.12
CA ASN C 24 12.84 9.48 -6.60
C ASN C 24 12.62 10.23 -7.84
N PHE C 25 13.57 11.04 -8.11
CA PHE C 25 13.52 11.89 -9.26
C PHE C 25 13.89 11.26 -10.57
N GLU C 26 15.03 10.62 -10.50
CA GLU C 26 15.58 9.94 -11.63
C GLU C 26 14.59 8.89 -12.09
N LYS C 27 14.03 8.23 -11.12
CA LYS C 27 13.07 7.21 -11.33
C LYS C 27 11.83 7.70 -12.16
N ASN C 28 11.09 8.70 -11.65
CA ASN C 28 9.93 9.23 -12.34
C ASN C 28 10.22 10.20 -13.52
N VAL C 29 10.93 11.29 -13.30
CA VAL C 29 11.19 12.22 -14.41
C VAL C 29 12.04 11.69 -15.52
N SER C 30 13.10 11.09 -15.08
CA SER C 30 14.00 10.52 -16.01
C SER C 30 13.75 9.01 -16.00
N GLN C 31 14.46 8.31 -16.76
CA GLN C 31 14.20 6.96 -16.71
C GLN C 31 15.53 6.26 -16.41
N ALA C 32 16.13 6.64 -15.26
CA ALA C 32 17.41 6.09 -14.81
C ALA C 32 17.36 5.22 -13.60
N ILE C 33 16.72 4.10 -13.79
CA ILE C 33 16.53 3.05 -12.81
C ILE C 33 17.83 2.84 -11.98
N HIS C 34 18.96 2.90 -12.69
CA HIS C 34 20.29 2.71 -12.13
C HIS C 34 20.65 3.66 -11.04
N LYS C 35 20.72 4.91 -11.44
CA LYS C 35 21.04 5.98 -10.56
C LYS C 35 19.97 5.91 -9.49
N TYR C 36 18.75 5.78 -10.01
CA TYR C 36 17.60 5.67 -9.14
C TYR C 36 17.86 4.57 -8.08
N ASN C 37 18.48 3.51 -8.56
CA ASN C 37 18.82 2.43 -7.70
C ASN C 37 20.02 2.82 -6.83
N ALA C 38 20.90 3.72 -7.33
CA ALA C 38 22.09 4.17 -6.59
C ALA C 38 21.75 4.89 -5.32
N TYR C 39 20.98 5.96 -5.49
CA TYR C 39 20.49 6.80 -4.41
C TYR C 39 19.90 5.95 -3.32
N ARG C 40 19.04 5.02 -3.76
CA ARG C 40 18.41 4.16 -2.79
C ARG C 40 19.27 3.29 -1.87
N LYS C 41 20.27 2.63 -2.47
CA LYS C 41 21.06 1.80 -1.64
C LYS C 41 21.96 2.59 -0.72
N ALA C 42 22.42 3.72 -1.27
CA ALA C 42 23.27 4.65 -0.58
C ALA C 42 22.45 5.24 0.54
N ALA C 43 21.21 5.57 0.20
CA ALA C 43 20.28 6.12 1.15
C ALA C 43 20.03 5.07 2.23
N SER C 44 19.95 3.83 1.83
CA SER C 44 19.73 2.76 2.78
C SER C 44 20.83 2.56 3.83
N VAL C 45 22.08 2.69 3.37
CA VAL C 45 23.29 2.54 4.16
C VAL C 45 23.64 3.66 5.07
N ILE C 46 23.57 4.88 4.56
CA ILE C 46 23.92 5.99 5.43
C ILE C 46 22.93 5.97 6.62
N ALA C 47 21.69 5.57 6.28
CA ALA C 47 20.57 5.47 7.19
C ALA C 47 20.91 4.62 8.37
N LYS C 48 21.66 3.59 8.10
CA LYS C 48 22.06 2.67 9.12
C LYS C 48 23.18 3.18 10.03
N TYR C 49 24.15 3.73 9.34
CA TYR C 49 25.34 4.29 9.87
C TYR C 49 25.08 5.07 11.13
N PRO C 50 25.67 4.48 12.20
CA PRO C 50 25.73 4.79 13.64
C PRO C 50 26.31 6.12 14.08
N HIS C 51 26.64 6.96 13.10
CA HIS C 51 27.21 8.22 13.49
C HIS C 51 26.91 9.35 12.54
N LYS C 52 27.14 10.56 13.05
CA LYS C 52 26.94 11.76 12.29
C LYS C 52 27.88 11.87 11.09
N ILE C 53 27.30 11.77 9.90
CA ILE C 53 28.15 11.85 8.75
C ILE C 53 28.78 13.23 8.72
N LYS C 54 30.09 13.28 8.86
CA LYS C 54 30.74 14.61 8.84
C LYS C 54 31.30 15.12 7.50
N SER C 55 31.34 14.27 6.49
CA SER C 55 31.85 14.65 5.22
C SER C 55 31.54 13.59 4.21
N GLY C 56 31.83 13.89 2.96
CA GLY C 56 31.60 12.95 1.93
C GLY C 56 32.57 11.79 2.13
N ALA C 57 33.86 12.11 2.24
CA ALA C 57 34.91 11.09 2.44
C ALA C 57 34.57 9.97 3.40
N GLU C 58 34.03 10.45 4.53
CA GLU C 58 33.56 9.72 5.69
C GLU C 58 32.47 8.82 5.31
N ALA C 59 31.59 9.42 4.52
CA ALA C 59 30.39 8.80 3.95
C ALA C 59 30.83 7.72 3.00
N LYS C 60 31.66 8.22 2.03
CA LYS C 60 32.34 7.51 0.91
C LYS C 60 32.83 6.10 1.22
N LYS C 61 33.33 5.99 2.45
CA LYS C 61 33.84 4.78 3.02
C LYS C 61 32.76 3.71 2.86
N LEU C 62 31.53 4.19 2.75
CA LEU C 62 30.38 3.33 2.60
C LEU C 62 30.17 2.58 1.29
N PRO C 63 29.45 1.54 1.53
CA PRO C 63 29.01 0.62 0.57
C PRO C 63 27.82 1.26 -0.11
N GLY C 64 28.11 1.36 -1.45
CA GLY C 64 27.27 1.90 -2.49
C GLY C 64 27.53 3.37 -2.68
N VAL C 65 28.39 3.90 -1.79
CA VAL C 65 28.81 5.29 -1.76
C VAL C 65 29.97 5.70 -2.57
N GLY C 66 29.47 6.25 -3.62
CA GLY C 66 30.23 6.76 -4.69
C GLY C 66 30.78 8.11 -4.44
N THR C 67 31.52 8.48 -5.43
CA THR C 67 32.18 9.74 -5.47
C THR C 67 31.22 10.83 -5.80
N LYS C 68 30.21 10.48 -6.62
CA LYS C 68 29.20 11.44 -7.02
C LYS C 68 28.27 11.88 -5.90
N ILE C 69 27.87 10.91 -5.13
CA ILE C 69 27.01 11.11 -3.99
C ILE C 69 27.82 11.70 -2.82
N ALA C 70 29.13 11.42 -2.75
CA ALA C 70 29.92 11.96 -1.66
C ALA C 70 29.87 13.46 -1.73
N GLU C 71 30.03 13.87 -2.98
CA GLU C 71 30.04 15.21 -3.46
C GLU C 71 28.81 15.99 -3.10
N LYS C 72 27.66 15.38 -3.37
CA LYS C 72 26.41 15.99 -3.06
C LYS C 72 26.35 16.07 -1.55
N ILE C 73 26.84 15.08 -0.86
CA ILE C 73 26.83 15.11 0.59
C ILE C 73 27.60 16.34 1.10
N ASP C 74 28.79 16.54 0.61
CA ASP C 74 29.50 17.68 1.10
C ASP C 74 28.76 19.02 0.88
N GLU C 75 28.31 19.28 -0.34
CA GLU C 75 27.59 20.51 -0.63
C GLU C 75 26.41 20.59 0.27
N PHE C 76 25.83 19.50 0.52
CA PHE C 76 24.72 19.62 1.38
C PHE C 76 25.17 19.82 2.80
N LEU C 77 26.28 19.23 3.19
CA LEU C 77 26.71 19.42 4.58
C LEU C 77 27.17 20.83 4.76
N ALA C 78 27.87 21.32 3.77
CA ALA C 78 28.33 22.66 3.86
C ALA C 78 27.14 23.65 3.87
N THR C 79 26.42 23.79 2.74
CA THR C 79 25.26 24.68 2.60
C THR C 79 23.97 23.91 2.82
N GLY C 80 23.10 24.38 3.66
CA GLY C 80 21.86 23.63 3.88
C GLY C 80 21.03 23.32 2.65
N LYS C 81 21.64 23.19 1.47
CA LYS C 81 20.91 22.90 0.27
C LYS C 81 21.74 22.18 -0.75
N LEU C 82 21.15 22.00 -1.89
CA LEU C 82 21.77 21.33 -2.99
C LEU C 82 21.34 22.08 -4.26
N ARG C 83 22.21 22.30 -5.25
CA ARG C 83 21.71 22.99 -6.42
C ARG C 83 20.75 22.16 -7.23
N LYS C 84 21.20 20.96 -7.56
CA LYS C 84 20.42 20.03 -8.34
C LYS C 84 19.11 19.85 -7.61
N LEU C 85 19.18 19.97 -6.32
CA LEU C 85 17.95 19.82 -5.62
C LEU C 85 17.07 20.99 -5.95
N GLU C 86 17.63 22.18 -5.73
CA GLU C 86 16.88 23.37 -6.01
C GLU C 86 16.38 23.41 -7.43
N LYS C 87 17.31 23.22 -8.38
CA LYS C 87 16.98 23.21 -9.78
C LYS C 87 15.75 22.32 -10.09
N ILE C 88 15.68 21.12 -9.48
CA ILE C 88 14.60 20.13 -9.64
C ILE C 88 13.25 20.52 -9.05
N ARG C 89 13.33 21.06 -7.82
CA ARG C 89 12.20 21.49 -7.03
C ARG C 89 11.41 22.58 -7.83
N GLN C 90 12.21 23.40 -8.50
CA GLN C 90 11.71 24.45 -9.33
C GLN C 90 11.07 23.87 -10.57
N ASP C 91 11.88 23.17 -11.38
CA ASP C 91 11.47 22.52 -12.66
C ASP C 91 10.05 22.21 -12.85
N ASP C 92 9.45 22.89 -13.76
CA ASP C 92 8.06 22.69 -13.99
C ASP C 92 7.69 21.39 -14.60
N THR C 93 8.50 20.93 -15.51
CA THR C 93 8.17 19.66 -16.11
C THR C 93 8.17 18.62 -15.01
N SER C 94 9.23 18.66 -14.24
CA SER C 94 9.34 17.75 -13.15
C SER C 94 8.17 17.92 -12.21
N SER C 95 7.94 19.12 -11.76
CA SER C 95 6.84 19.47 -10.85
C SER C 95 5.50 18.89 -11.31
N SER C 96 5.29 19.01 -12.61
CA SER C 96 4.08 18.56 -13.26
C SER C 96 3.91 17.07 -13.17
N ILE C 97 5.03 16.36 -13.36
CA ILE C 97 4.97 14.90 -13.29
C ILE C 97 4.59 14.44 -11.93
N ASN C 98 5.25 15.02 -10.95
CA ASN C 98 5.02 14.66 -9.58
C ASN C 98 3.60 14.74 -9.18
N PHE C 99 3.00 15.70 -9.79
CA PHE C 99 1.63 16.00 -9.59
C PHE C 99 0.57 15.14 -10.32
N LEU C 100 0.67 14.98 -11.63
CA LEU C 100 -0.32 14.17 -12.38
C LEU C 100 -0.49 12.82 -11.78
N THR C 101 0.69 12.35 -11.40
CA THR C 101 0.85 11.09 -10.78
C THR C 101 -0.13 10.88 -9.60
N ARG C 102 -0.83 11.95 -9.15
CA ARG C 102 -1.79 11.84 -8.04
C ARG C 102 -3.10 11.22 -8.35
N VAL C 103 -3.40 11.29 -9.62
CA VAL C 103 -4.63 10.72 -10.02
C VAL C 103 -4.52 9.22 -9.97
N SER C 104 -5.54 8.61 -9.38
CA SER C 104 -5.56 7.20 -9.30
C SER C 104 -5.66 6.71 -10.72
N GLY C 105 -4.62 5.97 -11.10
CA GLY C 105 -4.54 5.44 -12.42
C GLY C 105 -3.40 6.03 -13.19
N ILE C 106 -2.81 7.10 -12.71
CA ILE C 106 -1.70 7.68 -13.42
C ILE C 106 -0.46 7.36 -12.69
N GLY C 107 0.53 6.95 -13.42
CA GLY C 107 1.83 6.59 -12.89
C GLY C 107 2.83 7.39 -13.66
N PRO C 108 4.12 7.16 -13.40
CA PRO C 108 5.15 7.90 -14.06
C PRO C 108 5.12 7.82 -15.55
N SER C 109 4.83 6.64 -16.05
CA SER C 109 4.80 6.53 -17.45
C SER C 109 3.79 7.42 -18.11
N ALA C 110 2.54 7.25 -17.70
CA ALA C 110 1.52 8.05 -18.26
C ALA C 110 1.72 9.53 -17.94
N ALA C 111 2.26 9.83 -16.72
CA ALA C 111 2.48 11.20 -16.36
C ALA C 111 3.44 11.80 -17.32
N ARG C 112 4.60 11.20 -17.53
CA ARG C 112 5.49 11.84 -18.50
C ARG C 112 4.87 12.01 -19.87
N LYS C 113 4.23 10.94 -20.37
CA LYS C 113 3.59 11.00 -21.66
C LYS C 113 2.65 12.20 -21.81
N PHE C 114 1.84 12.45 -20.78
CA PHE C 114 0.87 13.55 -20.72
C PHE C 114 1.49 14.95 -20.85
N VAL C 115 2.64 15.10 -20.24
CA VAL C 115 3.41 16.34 -20.22
C VAL C 115 3.94 16.61 -21.59
N ASP C 116 4.54 15.57 -22.11
CA ASP C 116 5.07 15.65 -23.41
C ASP C 116 4.07 16.08 -24.40
N GLU C 117 2.82 15.78 -24.07
CA GLU C 117 1.69 16.16 -24.89
C GLU C 117 1.27 17.52 -24.42
N GLY C 118 1.63 17.83 -23.17
CA GLY C 118 1.27 19.12 -22.60
C GLY C 118 0.15 19.16 -21.53
N ILE C 119 -0.39 18.04 -21.12
CA ILE C 119 -1.40 18.11 -20.08
C ILE C 119 -0.63 18.29 -18.76
N LYS C 120 -0.46 19.48 -18.26
CA LYS C 120 0.27 19.53 -17.07
C LYS C 120 -0.62 19.74 -15.87
N THR C 121 -1.81 20.19 -16.17
CA THR C 121 -2.74 20.43 -15.12
C THR C 121 -3.99 19.59 -15.15
N LEU C 122 -4.63 19.65 -14.00
CA LEU C 122 -5.87 18.98 -13.72
C LEU C 122 -6.93 19.38 -14.70
N GLU C 123 -6.86 20.60 -15.09
CA GLU C 123 -7.83 21.02 -16.03
C GLU C 123 -7.60 20.40 -17.41
N ASP C 124 -6.29 20.35 -17.72
CA ASP C 124 -5.83 19.81 -18.92
C ASP C 124 -6.33 18.46 -18.89
N LEU C 125 -6.32 17.99 -17.65
CA LEU C 125 -6.80 16.69 -17.42
C LEU C 125 -8.15 16.48 -17.93
N ARG C 126 -9.01 17.33 -17.55
CA ARG C 126 -10.40 17.26 -17.96
C ARG C 126 -10.68 17.49 -19.40
N LYS C 127 -9.99 18.47 -19.98
CA LYS C 127 -10.18 18.83 -21.39
C LYS C 127 -9.95 17.69 -22.29
N ASN C 128 -9.08 16.86 -21.76
CA ASN C 128 -8.61 15.67 -22.36
C ASN C 128 -9.08 14.39 -21.68
N GLU C 129 -10.33 14.31 -21.35
CA GLU C 129 -10.77 13.09 -20.73
C GLU C 129 -10.72 11.95 -21.75
N ASP C 130 -10.89 12.25 -23.03
CA ASP C 130 -10.85 11.19 -24.03
C ASP C 130 -9.52 10.39 -24.03
N LYS C 131 -8.42 11.11 -23.75
CA LYS C 131 -7.05 10.61 -23.68
C LYS C 131 -6.73 9.78 -22.44
N LEU C 132 -7.81 9.57 -21.62
CA LEU C 132 -7.83 8.82 -20.37
C LEU C 132 -8.71 7.56 -20.32
N ASN C 133 -8.13 6.51 -19.74
CA ASN C 133 -8.79 5.25 -19.58
C ASN C 133 -9.72 5.31 -18.35
N HIS C 134 -10.74 4.47 -18.37
CA HIS C 134 -11.70 4.36 -17.30
C HIS C 134 -11.18 4.49 -15.84
N HIS C 135 -10.07 3.85 -15.51
CA HIS C 135 -9.53 3.94 -14.13
C HIS C 135 -9.26 5.38 -13.83
N GLN C 136 -8.39 5.90 -14.69
CA GLN C 136 -7.94 7.27 -14.68
C GLN C 136 -9.08 8.29 -14.74
N ARG C 137 -10.14 7.93 -15.44
CA ARG C 137 -11.28 8.81 -15.55
C ARG C 137 -11.89 8.95 -14.20
N ILE C 138 -12.06 7.85 -13.52
CA ILE C 138 -12.60 7.96 -12.18
C ILE C 138 -11.58 8.57 -11.18
N GLY C 139 -10.31 8.30 -11.39
CA GLY C 139 -9.28 8.81 -10.54
C GLY C 139 -9.39 10.29 -10.37
N LEU C 140 -9.57 10.89 -11.55
CA LEU C 140 -9.74 12.32 -11.79
C LEU C 140 -11.14 12.70 -11.30
N LYS C 141 -12.15 11.91 -11.67
CA LYS C 141 -13.47 12.19 -11.23
C LYS C 141 -13.64 12.35 -9.70
N TYR C 142 -13.01 11.51 -8.88
CA TYR C 142 -13.13 11.63 -7.42
C TYR C 142 -11.87 12.10 -6.75
N PHE C 143 -10.99 12.75 -7.59
CA PHE C 143 -9.76 13.26 -7.17
C PHE C 143 -9.73 13.83 -5.73
N GLY C 144 -10.69 14.73 -5.43
CA GLY C 144 -10.79 15.36 -4.14
C GLY C 144 -11.00 14.29 -3.13
N ASP C 145 -12.16 13.66 -3.14
CA ASP C 145 -12.57 12.56 -2.27
C ASP C 145 -11.45 11.52 -2.04
N PHE C 146 -10.70 11.27 -3.11
CA PHE C 146 -9.61 10.31 -3.05
C PHE C 146 -8.46 10.71 -2.23
N GLU C 147 -8.18 11.99 -2.18
CA GLU C 147 -7.05 12.40 -1.36
C GLU C 147 -7.36 12.61 0.13
N LYS C 148 -8.66 12.47 0.48
CA LYS C 148 -9.20 12.63 1.81
C LYS C 148 -9.17 11.40 2.72
N ARG C 149 -8.77 11.60 4.00
CA ARG C 149 -8.71 10.52 4.98
C ARG C 149 -10.10 9.97 5.38
N ILE C 150 -10.17 8.75 5.92
CA ILE C 150 -11.48 8.21 6.30
C ILE C 150 -11.65 8.19 7.81
N PRO C 151 -12.65 8.97 8.28
CA PRO C 151 -12.87 9.03 9.69
C PRO C 151 -13.45 7.65 10.09
N ARG C 152 -12.81 7.06 11.11
CA ARG C 152 -13.17 5.78 11.68
C ARG C 152 -14.67 5.79 11.90
N GLU C 153 -15.18 6.97 12.25
CA GLU C 153 -16.61 7.20 12.50
C GLU C 153 -17.45 6.70 11.30
N GLU C 154 -16.87 6.88 10.08
CA GLU C 154 -17.50 6.46 8.80
C GLU C 154 -17.13 5.01 8.41
N MET C 155 -15.97 4.61 8.90
CA MET C 155 -15.45 3.32 8.65
C MET C 155 -16.44 2.33 9.13
N LEU C 156 -16.78 2.56 10.43
CA LEU C 156 -17.73 1.80 11.26
C LEU C 156 -19.06 1.68 10.59
N GLN C 157 -19.47 2.78 9.94
CA GLN C 157 -20.74 2.70 9.25
C GLN C 157 -20.67 1.86 8.02
N MET C 158 -19.56 2.01 7.28
CA MET C 158 -19.32 1.26 6.04
C MET C 158 -19.26 -0.24 6.29
N GLN C 159 -18.44 -0.57 7.32
CA GLN C 159 -18.22 -1.92 7.81
C GLN C 159 -19.51 -2.58 8.12
N ASP C 160 -20.29 -1.85 8.89
CA ASP C 160 -21.59 -2.29 9.29
C ASP C 160 -22.30 -2.70 8.05
N ILE C 161 -22.21 -1.84 7.05
CA ILE C 161 -22.88 -2.16 5.84
C ILE C 161 -22.48 -3.36 5.07
N VAL C 162 -21.14 -3.48 4.81
CA VAL C 162 -20.67 -4.64 4.04
C VAL C 162 -21.02 -5.96 4.68
N LEU C 163 -20.80 -6.00 5.98
CA LEU C 163 -21.07 -7.17 6.76
C LEU C 163 -22.49 -7.54 6.62
N ASN C 164 -23.35 -6.57 6.51
CA ASN C 164 -24.73 -6.98 6.37
C ASN C 164 -25.06 -7.64 5.04
N GLU C 165 -24.57 -7.11 3.95
CA GLU C 165 -24.93 -7.78 2.75
C GLU C 165 -24.29 -9.10 2.59
N VAL C 166 -22.97 -9.10 2.85
CA VAL C 166 -22.07 -10.25 2.76
C VAL C 166 -22.81 -11.43 3.23
N LYS C 167 -23.37 -11.20 4.42
CA LYS C 167 -24.18 -12.19 5.12
C LYS C 167 -25.43 -12.48 4.36
N LYS C 168 -26.19 -11.46 4.09
CA LYS C 168 -27.42 -11.66 3.36
C LYS C 168 -27.34 -12.52 2.11
N VAL C 169 -26.26 -12.42 1.35
CA VAL C 169 -26.23 -13.28 0.19
C VAL C 169 -26.01 -14.75 0.59
N ASP C 170 -24.92 -15.03 1.25
CA ASP C 170 -24.72 -16.35 1.65
C ASP C 170 -24.25 -16.10 3.04
N SER C 171 -24.69 -16.95 4.00
CA SER C 171 -24.31 -16.83 5.43
C SER C 171 -22.98 -17.44 5.71
N GLU C 172 -22.51 -18.12 4.67
CA GLU C 172 -21.24 -18.80 4.69
C GLU C 172 -20.05 -17.82 4.68
N TYR C 173 -20.14 -16.76 3.87
CA TYR C 173 -19.12 -15.74 3.77
C TYR C 173 -18.51 -15.20 5.04
N ILE C 174 -17.20 -15.15 5.04
CA ILE C 174 -16.44 -14.62 6.15
C ILE C 174 -15.77 -13.33 5.70
N ALA C 175 -16.04 -12.23 6.40
CA ALA C 175 -15.45 -10.99 6.00
C ALA C 175 -14.78 -10.24 7.11
N THR C 176 -13.63 -9.69 6.77
CA THR C 176 -12.86 -8.95 7.70
C THR C 176 -12.33 -7.76 7.02
N VAL C 177 -12.45 -6.66 7.73
CA VAL C 177 -11.96 -5.43 7.21
C VAL C 177 -10.63 -5.35 7.90
N CYS C 178 -9.57 -5.46 7.11
CA CYS C 178 -8.27 -5.43 7.71
C CYS C 178 -7.78 -4.04 7.63
N GLY C 179 -6.48 -3.84 7.80
CA GLY C 179 -5.85 -2.53 7.74
C GLY C 179 -5.80 -1.86 9.12
N SER C 180 -5.34 -0.61 9.11
CA SER C 180 -5.21 0.25 10.28
C SER C 180 -6.53 0.36 11.02
N PHE C 181 -7.57 0.31 10.23
CA PHE C 181 -8.90 0.37 10.67
C PHE C 181 -9.09 -0.59 11.78
N ARG C 182 -8.59 -1.80 11.48
CA ARG C 182 -8.58 -3.02 12.32
C ARG C 182 -7.64 -2.89 13.46
N ARG C 183 -6.57 -2.19 13.19
CA ARG C 183 -5.58 -1.95 14.18
C ARG C 183 -5.99 -0.82 15.16
N GLY C 184 -7.27 -0.37 15.15
CA GLY C 184 -7.78 0.71 16.04
C GLY C 184 -7.80 2.16 15.50
N ALA C 185 -6.85 2.45 14.61
CA ALA C 185 -6.62 3.71 13.91
C ALA C 185 -7.82 4.59 13.76
N GLU C 186 -7.59 5.91 14.01
CA GLU C 186 -8.58 7.01 13.96
C GLU C 186 -9.22 7.36 12.62
N SER C 187 -8.39 7.19 11.60
CA SER C 187 -8.74 7.44 10.23
C SER C 187 -8.11 6.38 9.40
N SER C 188 -8.51 6.33 8.14
CA SER C 188 -7.96 5.35 7.21
C SER C 188 -7.97 5.92 5.80
N GLY C 189 -7.20 5.34 4.89
CA GLY C 189 -7.17 5.80 3.52
C GLY C 189 -8.32 5.22 2.70
N ASP C 190 -8.46 3.91 2.74
CA ASP C 190 -9.50 3.19 2.00
C ASP C 190 -9.89 1.98 2.76
N MET C 191 -11.02 1.40 2.40
CA MET C 191 -11.40 0.22 3.12
C MET C 191 -11.02 -1.06 2.37
N ASP C 192 -10.31 -1.97 3.14
CA ASP C 192 -9.79 -3.28 2.72
C ASP C 192 -10.60 -4.45 3.30
N VAL C 193 -11.42 -4.99 2.50
CA VAL C 193 -12.22 -6.12 2.96
C VAL C 193 -11.66 -7.50 2.48
N LEU C 194 -11.20 -8.32 3.48
CA LEU C 194 -10.64 -9.68 3.33
C LEU C 194 -11.78 -10.67 3.20
N LEU C 195 -11.85 -11.31 2.03
CA LEU C 195 -12.96 -12.19 1.94
C LEU C 195 -12.71 -13.66 1.64
N THR C 196 -13.38 -14.54 2.38
CA THR C 196 -13.20 -15.97 2.08
C THR C 196 -14.46 -16.72 2.25
N HIS C 197 -14.41 -17.90 1.74
CA HIS C 197 -15.56 -18.74 1.86
C HIS C 197 -15.03 -20.15 2.08
N PRO C 198 -15.87 -21.03 2.69
CA PRO C 198 -15.49 -22.43 2.95
C PRO C 198 -15.44 -23.21 1.62
N SER C 199 -16.49 -23.07 0.79
CA SER C 199 -16.50 -23.74 -0.48
C SER C 199 -15.34 -23.27 -1.40
N PHE C 200 -14.35 -22.57 -0.84
CA PHE C 200 -13.19 -22.09 -1.57
C PHE C 200 -11.93 -22.01 -0.73
N THR C 201 -10.97 -22.77 -1.26
CA THR C 201 -9.66 -22.99 -0.70
C THR C 201 -8.68 -23.52 -1.75
N SER C 202 -7.42 -23.41 -1.42
CA SER C 202 -6.24 -23.81 -2.18
C SER C 202 -6.42 -24.57 -3.49
N GLU C 203 -7.17 -25.70 -3.39
CA GLU C 203 -7.45 -26.57 -4.52
C GLU C 203 -8.69 -26.20 -5.29
N SER C 204 -9.86 -26.61 -4.68
CA SER C 204 -11.24 -26.41 -5.17
C SER C 204 -11.28 -25.30 -6.18
N THR C 205 -10.99 -25.70 -7.42
CA THR C 205 -10.92 -24.82 -8.57
C THR C 205 -11.76 -23.59 -8.68
N LYS C 206 -11.47 -22.64 -7.82
CA LYS C 206 -12.20 -21.43 -7.88
C LYS C 206 -13.70 -21.63 -7.69
N GLN C 207 -14.32 -20.50 -7.93
CA GLN C 207 -15.72 -20.20 -7.89
C GLN C 207 -15.73 -18.66 -7.97
N PRO C 208 -15.61 -18.17 -9.21
CA PRO C 208 -15.56 -16.74 -9.52
C PRO C 208 -16.78 -15.98 -8.99
N LYS C 209 -17.95 -16.62 -9.16
CA LYS C 209 -19.21 -16.07 -8.76
C LYS C 209 -19.14 -15.74 -7.32
N LEU C 210 -18.26 -16.41 -6.65
CA LEU C 210 -18.08 -16.19 -5.22
C LEU C 210 -17.80 -14.74 -4.86
N LEU C 211 -17.09 -14.05 -5.72
CA LEU C 211 -16.75 -12.67 -5.49
C LEU C 211 -17.86 -11.78 -5.99
N HIS C 212 -18.21 -12.13 -7.20
CA HIS C 212 -19.20 -11.55 -8.09
C HIS C 212 -20.52 -11.38 -7.50
N GLN C 213 -20.82 -12.29 -6.60
CA GLN C 213 -22.09 -12.23 -5.93
C GLN C 213 -22.16 -11.02 -5.08
N VAL C 214 -21.20 -10.92 -4.14
CA VAL C 214 -21.12 -9.76 -3.21
C VAL C 214 -20.95 -8.41 -3.90
N VAL C 215 -20.16 -8.38 -4.98
CA VAL C 215 -19.99 -7.12 -5.65
C VAL C 215 -21.33 -6.67 -6.10
N GLU C 216 -22.01 -7.56 -6.77
CA GLU C 216 -23.35 -7.27 -7.26
C GLU C 216 -24.26 -6.89 -6.12
N GLN C 217 -23.98 -7.37 -4.93
CA GLN C 217 -24.90 -6.98 -3.94
C GLN C 217 -24.71 -5.55 -3.62
N LEU C 218 -23.49 -5.33 -3.15
CA LEU C 218 -23.00 -4.04 -2.73
C LEU C 218 -23.44 -2.94 -3.69
N GLN C 219 -23.31 -3.19 -4.97
CA GLN C 219 -23.71 -2.27 -6.01
C GLN C 219 -25.22 -2.21 -6.01
N LYS C 220 -25.80 -3.37 -5.74
CA LYS C 220 -27.24 -3.52 -5.73
C LYS C 220 -27.90 -2.47 -4.89
N VAL C 221 -27.38 -2.24 -3.69
CA VAL C 221 -27.93 -1.23 -2.78
C VAL C 221 -27.30 0.17 -2.89
N HIS C 222 -26.29 0.30 -3.77
CA HIS C 222 -25.59 1.54 -3.99
C HIS C 222 -24.48 1.87 -3.05
N PHE C 223 -23.80 0.86 -2.55
CA PHE C 223 -22.73 1.20 -1.71
C PHE C 223 -21.58 1.27 -2.70
N ILE C 224 -21.69 0.48 -3.75
CA ILE C 224 -20.64 0.50 -4.73
C ILE C 224 -21.08 1.33 -5.84
N THR C 225 -20.28 2.30 -6.21
CA THR C 225 -20.75 3.16 -7.28
C THR C 225 -20.07 2.95 -8.56
N ASP C 226 -18.85 2.55 -8.36
CA ASP C 226 -17.99 2.27 -9.45
C ASP C 226 -17.03 1.12 -9.23
N THR C 227 -16.63 0.68 -10.42
CA THR C 227 -15.68 -0.38 -10.64
C THR C 227 -14.34 0.10 -11.30
N LEU C 228 -13.23 0.02 -10.52
CA LEU C 228 -11.93 0.39 -11.00
C LEU C 228 -11.42 -0.81 -11.77
N SER C 229 -11.53 -1.92 -11.03
CA SER C 229 -11.11 -3.22 -11.53
C SER C 229 -11.79 -4.39 -10.82
N LYS C 230 -12.35 -5.21 -11.64
CA LYS C 230 -12.99 -6.36 -11.08
C LYS C 230 -12.54 -7.57 -11.87
N GLY C 231 -11.84 -8.47 -11.13
CA GLY C 231 -11.28 -9.72 -11.57
C GLY C 231 -11.90 -10.80 -10.71
N GLU C 232 -11.59 -12.05 -11.04
CA GLU C 232 -12.13 -13.16 -10.28
C GLU C 232 -11.73 -13.28 -8.87
N THR C 233 -10.79 -12.51 -8.38
CA THR C 233 -10.42 -12.66 -7.00
C THR C 233 -10.21 -11.39 -6.27
N LYS C 234 -10.09 -10.32 -7.06
CA LYS C 234 -9.86 -8.97 -6.59
C LYS C 234 -10.69 -7.96 -7.35
N PHE C 235 -11.46 -7.22 -6.59
CA PHE C 235 -12.33 -6.17 -7.08
C PHE C 235 -11.77 -4.88 -6.50
N MET C 236 -11.60 -3.85 -7.35
CA MET C 236 -11.10 -2.53 -6.98
C MET C 236 -12.18 -1.53 -7.22
N GLY C 237 -12.76 -1.00 -6.15
CA GLY C 237 -13.80 -0.06 -6.49
C GLY C 237 -13.96 1.25 -5.72
N VAL C 238 -15.22 1.69 -5.81
CA VAL C 238 -15.64 2.93 -5.18
C VAL C 238 -16.99 2.78 -4.50
N CYS C 239 -16.94 3.17 -3.26
CA CYS C 239 -18.13 3.13 -2.51
C CYS C 239 -18.52 4.50 -1.92
N GLN C 240 -19.76 4.49 -1.38
CA GLN C 240 -20.28 5.69 -0.75
C GLN C 240 -21.42 5.55 0.26
N LEU C 241 -21.22 6.18 1.43
CA LEU C 241 -22.28 6.15 2.45
C LEU C 241 -23.42 6.97 2.01
N PRO C 242 -24.61 6.37 2.09
CA PRO C 242 -25.80 7.04 1.73
C PRO C 242 -25.82 8.33 2.39
N SER C 243 -25.91 9.30 1.49
CA SER C 243 -25.95 10.69 1.84
C SER C 243 -27.37 10.87 2.29
N LYS C 244 -27.41 10.80 3.62
CA LYS C 244 -28.50 10.89 4.58
C LYS C 244 -29.79 11.62 4.14
N ASN C 245 -30.30 12.36 5.09
CA ASN C 245 -31.48 13.12 4.90
C ASN C 245 -31.08 14.54 4.51
N ASP C 246 -30.42 14.55 3.36
CA ASP C 246 -29.52 15.52 2.67
C ASP C 246 -29.08 16.74 3.60
N GLU C 247 -28.20 17.43 2.86
CA GLU C 247 -27.25 18.46 3.33
C GLU C 247 -25.79 17.98 3.35
N LYS C 248 -25.61 16.75 3.77
CA LYS C 248 -24.28 16.25 3.80
C LYS C 248 -24.22 14.94 3.09
N GLU C 249 -23.68 15.01 1.88
CA GLU C 249 -23.51 13.85 1.06
C GLU C 249 -22.10 13.35 1.39
N TYR C 250 -21.89 12.08 1.21
CA TYR C 250 -20.60 11.57 1.51
C TYR C 250 -19.50 11.47 0.40
N PRO C 251 -18.24 11.62 0.82
CA PRO C 251 -17.20 11.52 -0.15
C PRO C 251 -17.12 10.08 -0.61
N HIS C 252 -16.69 9.99 -1.86
CA HIS C 252 -16.51 8.73 -2.57
C HIS C 252 -15.20 8.16 -2.07
N ARG C 253 -15.27 6.87 -1.57
CA ARG C 253 -14.11 6.19 -1.04
C ARG C 253 -13.62 4.96 -1.77
N ARG C 254 -12.34 4.80 -1.72
CA ARG C 254 -11.69 3.66 -2.33
C ARG C 254 -12.01 2.41 -1.57
N ILE C 255 -12.32 1.41 -2.36
CA ILE C 255 -12.62 0.16 -1.73
C ILE C 255 -12.11 -1.06 -2.49
N ASP C 256 -11.52 -1.96 -1.68
CA ASP C 256 -10.98 -3.21 -2.17
C ASP C 256 -11.45 -4.42 -1.37
N ILE C 257 -11.91 -5.42 -2.12
CA ILE C 257 -12.38 -6.69 -1.60
C ILE C 257 -11.78 -7.78 -2.46
N ARG C 258 -11.07 -8.67 -1.77
CA ARG C 258 -10.37 -9.84 -2.27
C ARG C 258 -10.95 -11.16 -1.74
N LEU C 259 -11.14 -12.13 -2.69
CA LEU C 259 -11.68 -13.43 -2.36
C LEU C 259 -10.54 -14.28 -1.83
N ILE C 260 -10.75 -15.17 -0.86
CA ILE C 260 -9.61 -15.94 -0.39
C ILE C 260 -9.92 -17.39 -0.11
N PRO C 261 -8.88 -18.17 -0.24
CA PRO C 261 -9.00 -19.56 0.03
C PRO C 261 -9.06 -19.65 1.52
N LYS C 262 -10.18 -20.14 1.96
CA LYS C 262 -10.47 -20.30 3.35
C LYS C 262 -9.27 -20.88 4.11
N ASP C 263 -8.54 -21.67 3.36
CA ASP C 263 -7.38 -22.27 3.95
C ASP C 263 -6.20 -21.34 4.12
N GLN C 264 -6.38 -20.10 3.77
CA GLN C 264 -5.24 -19.26 3.98
C GLN C 264 -5.53 -17.84 4.43
N TYR C 265 -6.77 -17.75 4.96
CA TYR C 265 -7.37 -16.56 5.47
C TYR C 265 -6.46 -15.90 6.49
N TYR C 266 -6.61 -16.15 7.78
CA TYR C 266 -5.81 -15.60 8.85
C TYR C 266 -4.35 -15.41 8.55
N CYS C 267 -3.82 -16.11 7.59
CA CYS C 267 -2.41 -15.83 7.36
C CYS C 267 -2.41 -14.49 6.74
N GLY C 268 -3.26 -14.44 5.69
CA GLY C 268 -3.54 -13.27 4.87
C GLY C 268 -4.06 -12.20 5.81
N VAL C 269 -5.06 -12.58 6.57
CA VAL C 269 -5.61 -11.67 7.49
C VAL C 269 -4.58 -11.17 8.45
N LEU C 270 -3.76 -12.04 8.93
CA LEU C 270 -2.77 -11.61 9.87
C LEU C 270 -1.92 -10.47 9.40
N TYR C 271 -1.48 -10.71 8.22
CA TYR C 271 -0.63 -9.92 7.40
C TYR C 271 -1.05 -8.51 7.00
N PHE C 272 -2.22 -8.46 6.31
CA PHE C 272 -2.88 -7.28 5.83
C PHE C 272 -3.15 -6.35 6.97
N THR C 273 -3.39 -6.93 8.15
CA THR C 273 -3.62 -6.22 9.39
C THR C 273 -2.36 -5.57 9.88
N GLY C 274 -1.17 -6.03 9.50
CA GLY C 274 0.07 -5.41 9.94
C GLY C 274 0.34 -5.31 11.46
N SER C 275 1.03 -4.25 11.89
CA SER C 275 1.53 -3.19 11.03
C SER C 275 2.70 -3.70 10.24
N ASP C 276 3.20 -2.89 9.33
CA ASP C 276 4.35 -3.30 8.53
C ASP C 276 5.50 -3.81 9.39
N ILE C 277 5.67 -3.22 10.58
CA ILE C 277 6.72 -3.62 11.52
C ILE C 277 6.35 -4.81 12.38
N PHE C 278 5.07 -4.93 12.65
CA PHE C 278 4.57 -5.99 13.46
C PHE C 278 4.79 -7.31 12.78
N ASN C 279 4.53 -7.24 11.48
CA ASN C 279 4.65 -8.36 10.59
C ASN C 279 6.05 -8.87 10.54
N LYS C 280 6.96 -7.96 10.23
CA LYS C 280 8.37 -8.27 10.14
C LYS C 280 8.75 -8.94 11.44
N ASN C 281 8.60 -8.19 12.52
CA ASN C 281 8.93 -8.70 13.83
C ASN C 281 8.29 -10.03 14.09
N MET C 282 7.05 -10.13 13.67
CA MET C 282 6.45 -11.39 13.90
C MET C 282 7.14 -12.40 13.04
N ARG C 283 7.36 -12.03 11.79
CA ARG C 283 7.99 -12.92 10.87
C ARG C 283 9.34 -13.32 11.32
N ALA C 284 10.10 -12.33 11.79
CA ALA C 284 11.46 -12.53 12.28
C ALA C 284 11.50 -13.56 13.38
N HIS C 285 10.44 -13.59 14.15
CA HIS C 285 10.31 -14.51 15.24
C HIS C 285 10.07 -15.98 14.86
N ALA C 286 9.04 -16.24 14.04
CA ALA C 286 8.68 -17.59 13.58
C ALA C 286 9.90 -18.40 13.13
N LEU C 287 10.89 -17.65 12.60
CA LEU C 287 12.19 -18.09 12.06
C LEU C 287 13.03 -18.67 13.18
N GLU C 288 12.98 -18.03 14.32
CA GLU C 288 13.74 -18.56 15.40
C GLU C 288 12.98 -19.77 15.87
N LYS C 289 11.67 -19.57 16.01
CA LYS C 289 10.83 -20.63 16.45
C LYS C 289 10.67 -21.76 15.46
N GLY C 290 11.63 -21.87 14.55
CA GLY C 290 11.64 -22.91 13.52
C GLY C 290 10.55 -22.76 12.46
N PHE C 291 10.33 -21.50 11.98
CA PHE C 291 9.30 -21.27 10.99
C PHE C 291 9.47 -20.21 9.95
N THR C 292 8.43 -20.22 9.13
CA THR C 292 8.28 -19.33 8.04
C THR C 292 6.82 -18.98 7.86
N ILE C 293 6.65 -17.68 7.72
CA ILE C 293 5.35 -17.09 7.52
C ILE C 293 5.44 -16.20 6.30
N ASN C 294 4.30 -16.03 5.70
CA ASN C 294 4.16 -15.20 4.54
C ASN C 294 2.71 -15.09 4.22
N GLU C 295 2.34 -14.07 3.49
CA GLU C 295 0.97 -13.76 3.06
C GLU C 295 -0.09 -14.92 3.05
N TYR C 296 0.33 -16.19 3.05
CA TYR C 296 -0.70 -17.21 2.99
C TYR C 296 -0.55 -18.35 3.91
N THR C 297 0.63 -18.54 4.40
CA THR C 297 0.81 -19.67 5.25
C THR C 297 1.96 -19.56 6.23
N ILE C 298 2.16 -20.70 6.86
CA ILE C 298 3.20 -20.88 7.83
C ILE C 298 3.69 -22.34 7.80
N ARG C 299 4.92 -22.46 7.40
CA ARG C 299 5.50 -23.77 7.29
C ARG C 299 6.70 -24.03 8.20
N PRO C 300 6.72 -25.26 8.72
CA PRO C 300 7.77 -25.70 9.61
C PRO C 300 9.07 -25.73 8.85
N LEU C 301 10.10 -25.36 9.57
CA LEU C 301 11.41 -25.33 9.01
C LEU C 301 12.22 -26.60 9.26
N GLY C 302 12.91 -27.01 8.21
CA GLY C 302 13.77 -28.18 8.18
C GLY C 302 15.20 -27.69 8.11
N VAL C 303 16.02 -28.19 8.97
CA VAL C 303 17.42 -27.79 9.04
C VAL C 303 18.33 -27.89 7.81
N THR C 304 17.89 -28.58 6.76
CA THR C 304 18.64 -28.77 5.50
C THR C 304 18.99 -27.44 4.85
N GLY C 305 18.43 -26.41 5.46
CA GLY C 305 18.57 -25.04 5.08
C GLY C 305 17.16 -24.48 5.02
N VAL C 306 16.29 -25.24 4.29
CA VAL C 306 14.87 -24.90 4.08
C VAL C 306 14.00 -26.09 4.38
N ALA C 307 12.72 -25.95 4.07
CA ALA C 307 11.72 -26.97 4.26
C ALA C 307 10.27 -26.47 4.01
N GLY C 308 9.39 -27.38 3.57
CA GLY C 308 7.99 -27.08 3.28
C GLY C 308 6.99 -27.59 4.32
N GLU C 309 5.77 -27.87 3.92
CA GLU C 309 4.77 -28.38 4.87
C GLU C 309 3.76 -27.50 5.69
N PRO C 310 2.93 -26.67 4.97
CA PRO C 310 1.88 -25.74 5.46
C PRO C 310 0.97 -26.11 6.61
N LEU C 311 1.37 -25.80 7.84
CA LEU C 311 0.54 -26.12 8.97
C LEU C 311 -0.88 -25.55 8.80
N PRO C 312 -1.83 -26.17 9.50
CA PRO C 312 -3.23 -25.79 9.48
C PRO C 312 -3.53 -24.83 10.58
N VAL C 313 -4.08 -23.70 10.13
CA VAL C 313 -4.50 -22.52 10.91
C VAL C 313 -6.04 -22.24 10.94
N ASP C 314 -6.65 -22.20 12.16
CA ASP C 314 -8.10 -21.93 12.31
C ASP C 314 -8.52 -20.51 12.72
N SER C 315 -7.49 -19.73 13.07
CA SER C 315 -7.61 -18.34 13.47
C SER C 315 -6.27 -17.80 13.87
N GLU C 316 -6.22 -16.46 13.84
CA GLU C 316 -5.04 -15.64 14.18
C GLU C 316 -4.23 -16.28 15.31
N LYS C 317 -4.94 -17.01 16.21
CA LYS C 317 -4.40 -17.74 17.38
C LYS C 317 -3.38 -18.82 17.06
N ASP C 318 -3.86 -19.78 16.27
CA ASP C 318 -3.11 -20.90 15.79
C ASP C 318 -1.72 -20.48 15.37
N ILE C 319 -1.74 -19.44 14.58
CA ILE C 319 -0.52 -18.88 14.09
C ILE C 319 0.39 -18.49 15.29
N PHE C 320 -0.19 -17.76 16.27
CA PHE C 320 0.54 -17.31 17.44
C PHE C 320 1.15 -18.47 18.12
N ASP C 321 0.23 -19.37 18.54
CA ASP C 321 0.48 -20.63 19.22
C ASP C 321 1.64 -21.33 18.63
N TYR C 322 1.53 -21.55 17.31
CA TYR C 322 2.55 -22.18 16.57
C TYR C 322 3.85 -21.56 16.94
N ILE C 323 4.04 -20.33 16.53
CA ILE C 323 5.29 -19.72 16.87
C ILE C 323 5.43 -19.46 18.33
N GLN C 324 4.42 -19.91 19.10
CA GLN C 324 4.32 -19.80 20.55
C GLN C 324 4.59 -18.39 21.05
N TRP C 325 3.63 -17.50 20.81
CA TRP C 325 3.75 -16.10 21.21
C TRP C 325 2.52 -15.69 21.95
N LYS C 326 2.52 -14.43 22.35
CA LYS C 326 1.39 -13.86 23.06
C LYS C 326 0.40 -13.33 22.06
N TYR C 327 -0.88 -13.73 22.17
CA TYR C 327 -1.83 -13.23 21.23
C TYR C 327 -1.87 -11.76 21.48
N ARG C 328 -1.62 -11.03 20.41
CA ARG C 328 -1.60 -9.59 20.42
C ARG C 328 -2.75 -9.06 19.64
N GLU C 329 -3.58 -8.33 20.36
CA GLU C 329 -4.74 -7.72 19.81
C GLU C 329 -4.33 -6.84 18.66
N PRO C 330 -5.21 -6.78 17.65
CA PRO C 330 -4.99 -5.97 16.48
C PRO C 330 -4.59 -4.59 16.92
N LYS C 331 -5.17 -4.19 18.05
CA LYS C 331 -4.88 -2.90 18.61
C LYS C 331 -3.38 -2.79 18.86
N ASP C 332 -2.79 -3.78 19.47
CA ASP C 332 -1.38 -3.63 19.70
C ASP C 332 -0.44 -4.26 18.71
N ARG C 333 -0.92 -4.42 17.48
CA ARG C 333 -0.12 -4.98 16.43
C ARG C 333 0.71 -3.84 15.84
N SER C 334 1.00 -2.85 16.66
CA SER C 334 1.78 -1.72 16.16
C SER C 334 3.23 -2.01 15.80
N GLU C 335 3.86 -2.88 16.52
CA GLU C 335 5.20 -3.14 16.14
C GLU C 335 5.56 -4.44 16.78
S SO4 D . -2.63 4.02 6.34
O1 SO4 D . -1.55 5.03 5.99
O2 SO4 D . -2.98 4.41 7.77
O3 SO4 D . -2.00 2.52 6.27
O4 SO4 D . -3.87 4.01 5.53
NA NA E . -1.45 7.84 -9.20
NA NA F . 12.48 -6.12 -20.95
#